data_4FSF
#
_entry.id   4FSF
#
_cell.length_a   67.640
_cell.length_b   82.723
_cell.length_c   88.747
_cell.angle_alpha   90.00
_cell.angle_beta   90.00
_cell.angle_gamma   90.00
#
_symmetry.space_group_name_H-M   'P 21 21 21'
#
loop_
_entity.id
_entity.type
_entity.pdbx_description
1 polymer 'Penicillin-binding protein 3'
2 non-polymer '(4R,5S,8Z)-8-(2-amino-1,3-thiazol-4-yl)-1-[3-(1,5-dihydroxy-4-oxo-1,4-dihydropyridin-2-yl)-1,2-oxazol-5-yl]-5-formyl-11,11-dimethyl-1,7-dioxo-4-(sulfoamino)-10-oxa-2,6,9-triazadodec-8-en-12-oic acid'
3 water water
#
_entity_poly.entity_id   1
_entity_poly.type   'polypeptide(L)'
_entity_poly.pdbx_seq_one_letter_code
;HHHHHHARSVRHIAIPAHRGLITDRNGEPLAVSTPVTTLWANPKELMTAKERWPQLAAALGQDTKLFADRIEQNAEREFI
YLVRGLTPEQGEGVIALKVPGVYSIEEFRRFYPAGEVVAHAVGFTDVDDRGREGIELAFDEWLAGVPGKRQVLKDRRGRV
IKDVQVTKNAKPGKTLALSIDLRLQYLAHRELRNALLENGAKAGSLVIMDVKTGEILAMTNQPTYNPNNRRNLQPAAMRN
RAMIDVFEPGSTVKPFSMSAALASGRWKPSDIVDVYPGTLQIGRYTIRDVSRNSRQLDLTGILIKSSNVGISKIAFDIGA
ESIYSVMQQVGLGQDTGLGFPGERVGNLPNHRKWPKAETATLAYGYGLSVTAIQLAHAYAALANDGKSVPLSMTRVDRVP
DGVQVISPEVASTVQGMLQQVVEAQGGVFRAQVPGYHAAGKSGTARKVSVGTKGYRENAYRSLFAGFAPATDPRIAMVVV
IDEPSKAGYFGGLVSAPVFSKVMAGALRLMNVPPDNLPTATEQQQVNAAPAKGGRG
;
_entity_poly.pdbx_strand_id   A
#
loop_
_chem_comp.id
_chem_comp.type
_chem_comp.name
_chem_comp.formula
0W0 non-polymer '(4R,5S,8Z)-8-(2-amino-1,3-thiazol-4-yl)-1-[3-(1,5-dihydroxy-4-oxo-1,4-dihydropyridin-2-yl)-1,2-oxazol-5-yl]-5-formyl-11,11-dimethyl-1,7-dioxo-4-(sulfoamino)-10-oxa-2,6,9-triazadodec-8-en-12-oic acid' 'C22 H24 N8 O13 S2'
#
# COMPACT_ATOMS: atom_id res chain seq x y z
N VAL A 10 29.54 29.29 6.60
CA VAL A 10 29.87 27.96 6.09
C VAL A 10 30.86 28.09 4.93
N ARG A 11 32.00 27.36 5.00
CA ARG A 11 33.07 27.36 4.01
C ARG A 11 32.69 26.71 2.67
N HIS A 12 33.01 25.41 2.50
CA HIS A 12 32.77 24.66 1.27
C HIS A 12 31.31 24.24 1.05
N ILE A 13 30.95 24.03 -0.24
CA ILE A 13 29.60 23.63 -0.67
C ILE A 13 29.48 22.11 -0.93
N ALA A 14 28.28 21.55 -0.63
CA ALA A 14 27.91 20.14 -0.81
C ALA A 14 27.29 19.89 -2.18
N ILE A 15 27.89 18.97 -2.95
CA ILE A 15 27.44 18.60 -4.30
C ILE A 15 26.28 17.57 -4.23
N PRO A 16 25.03 17.96 -4.59
CA PRO A 16 23.92 16.99 -4.52
C PRO A 16 24.14 15.73 -5.36
N ALA A 17 23.89 14.57 -4.75
CA ALA A 17 24.03 13.23 -5.33
C ALA A 17 22.81 12.83 -6.14
N HIS A 18 22.99 11.97 -7.17
CA HIS A 18 21.92 11.46 -8.02
C HIS A 18 21.14 10.38 -7.26
N ARG A 19 19.84 10.61 -6.99
CA ARG A 19 18.97 9.66 -6.29
C ARG A 19 18.69 8.42 -7.15
N GLY A 20 18.95 7.24 -6.58
CA GLY A 20 18.72 5.95 -7.24
C GLY A 20 17.37 5.84 -7.95
N LEU A 21 17.39 5.22 -9.14
CA LEU A 21 16.19 4.99 -9.95
C LEU A 21 15.31 3.88 -9.32
N ILE A 22 14.01 4.13 -9.20
CA ILE A 22 13.05 3.12 -8.74
C ILE A 22 12.37 2.58 -10.00
N THR A 23 12.37 1.25 -10.18
CA THR A 23 11.64 0.63 -11.30
C THR A 23 10.58 -0.32 -10.72
N ASP A 24 9.65 -0.81 -11.56
CA ASP A 24 8.69 -1.83 -11.17
C ASP A 24 9.50 -3.14 -11.36
N ARG A 25 8.94 -4.31 -11.06
CA ARG A 25 9.68 -5.57 -11.20
C ARG A 25 10.28 -5.87 -12.62
N ASN A 26 9.72 -5.27 -13.71
CA ASN A 26 10.14 -5.49 -15.11
C ASN A 26 11.05 -4.39 -15.66
N GLY A 27 11.50 -3.47 -14.82
CA GLY A 27 12.41 -2.40 -15.23
C GLY A 27 11.76 -1.11 -15.74
N GLU A 28 10.42 -0.99 -15.55
CA GLU A 28 9.68 0.20 -15.95
C GLU A 28 9.98 1.34 -14.95
N PRO A 29 10.48 2.51 -15.42
CA PRO A 29 10.85 3.58 -14.48
C PRO A 29 9.67 4.15 -13.72
N LEU A 30 9.81 4.21 -12.38
CA LEU A 30 8.74 4.65 -11.48
C LEU A 30 9.05 5.95 -10.76
N ALA A 31 10.33 6.23 -10.51
CA ALA A 31 10.79 7.49 -9.90
C ALA A 31 12.14 7.81 -10.53
N VAL A 32 12.23 8.96 -11.21
CA VAL A 32 13.43 9.37 -11.94
C VAL A 32 13.96 10.73 -11.46
N SER A 33 15.28 10.77 -11.15
CA SER A 33 15.99 11.97 -10.70
C SER A 33 16.16 12.88 -11.89
N THR A 34 15.57 14.07 -11.79
CA THR A 34 15.59 15.06 -12.85
C THR A 34 16.47 16.22 -12.45
N PRO A 35 17.41 16.63 -13.34
CA PRO A 35 18.23 17.80 -13.07
C PRO A 35 17.37 19.07 -13.01
N VAL A 36 17.44 19.81 -11.88
CA VAL A 36 16.77 21.10 -11.66
C VAL A 36 17.83 22.12 -11.31
N THR A 37 17.59 23.41 -11.64
CA THR A 37 18.58 24.42 -11.31
C THR A 37 18.20 25.27 -10.13
N THR A 38 19.13 25.37 -9.18
CA THR A 38 19.01 26.18 -7.99
C THR A 38 19.85 27.44 -8.17
N LEU A 39 19.21 28.60 -8.04
CA LEU A 39 19.93 29.86 -8.17
C LEU A 39 20.06 30.51 -6.82
N TRP A 40 21.29 30.94 -6.52
CA TRP A 40 21.61 31.62 -5.28
C TRP A 40 22.42 32.89 -5.61
N ALA A 41 22.74 33.72 -4.61
CA ALA A 41 23.49 34.95 -4.85
C ALA A 41 24.40 35.36 -3.70
N ASN A 42 25.52 36.05 -4.01
CA ASN A 42 26.42 36.62 -3.02
C ASN A 42 25.88 38.06 -2.91
N PRO A 43 25.01 38.35 -1.90
CA PRO A 43 24.39 39.68 -1.83
C PRO A 43 25.35 40.87 -1.74
N LYS A 44 26.58 40.62 -1.27
CA LYS A 44 27.66 41.61 -1.20
C LYS A 44 27.93 42.14 -2.62
N GLU A 45 28.00 41.23 -3.62
CA GLU A 45 28.25 41.50 -5.03
C GLU A 45 27.02 42.03 -5.80
N LEU A 46 25.83 41.50 -5.48
CA LEU A 46 24.53 41.87 -6.07
C LEU A 46 24.23 43.33 -5.78
N MET A 47 24.67 43.82 -4.59
CA MET A 47 24.53 45.20 -4.13
C MET A 47 25.31 46.17 -5.01
N THR A 48 26.29 45.66 -5.79
CA THR A 48 27.08 46.50 -6.69
C THR A 48 26.51 46.56 -8.12
N ALA A 49 25.36 45.88 -8.38
CA ALA A 49 24.72 45.84 -9.69
C ALA A 49 23.21 46.11 -9.60
N LYS A 50 22.81 47.11 -8.79
CA LYS A 50 21.40 47.42 -8.55
C LYS A 50 20.55 47.68 -9.78
N GLU A 51 21.13 48.34 -10.83
CA GLU A 51 20.44 48.58 -12.10
C GLU A 51 19.99 47.27 -12.76
N ARG A 52 20.68 46.16 -12.44
CA ARG A 52 20.34 44.84 -12.97
C ARG A 52 19.16 44.16 -12.26
N TRP A 53 18.92 44.49 -10.97
CA TRP A 53 17.89 43.89 -10.10
C TRP A 53 16.46 43.77 -10.69
N PRO A 54 15.86 44.80 -11.33
CA PRO A 54 14.50 44.61 -11.85
C PRO A 54 14.39 43.47 -12.87
N GLN A 55 15.35 43.37 -13.84
CA GLN A 55 15.40 42.31 -14.85
C GLN A 55 15.38 40.99 -14.15
N LEU A 56 16.30 40.83 -13.15
CA LEU A 56 16.40 39.65 -12.30
C LEU A 56 15.06 39.30 -11.67
N ALA A 57 14.42 40.26 -10.96
CA ALA A 57 13.11 40.08 -10.31
C ALA A 57 12.02 39.59 -11.26
N ALA A 58 11.94 40.19 -12.46
CA ALA A 58 11.01 39.83 -13.51
C ALA A 58 11.30 38.43 -14.06
N ALA A 59 12.59 38.05 -14.12
CA ALA A 59 13.03 36.74 -14.59
C ALA A 59 12.76 35.64 -13.57
N LEU A 60 12.25 36.01 -12.37
CA LEU A 60 11.93 35.08 -11.29
C LEU A 60 10.44 35.20 -10.82
N GLY A 61 9.62 35.89 -11.60
CA GLY A 61 8.21 36.12 -11.30
C GLY A 61 7.93 37.08 -10.15
N GLN A 62 8.96 37.28 -9.28
CA GLN A 62 8.93 38.14 -8.09
C GLN A 62 8.72 39.61 -8.41
N ASP A 63 8.11 40.35 -7.46
CA ASP A 63 7.84 41.78 -7.59
C ASP A 63 9.13 42.58 -7.44
N THR A 64 9.34 43.54 -8.35
CA THR A 64 10.51 44.43 -8.43
C THR A 64 10.92 44.97 -7.04
N LYS A 65 10.05 45.79 -6.43
CA LYS A 65 10.27 46.40 -5.13
C LYS A 65 10.45 45.38 -4.02
N LEU A 66 9.63 44.32 -4.01
CA LEU A 66 9.70 43.25 -3.01
C LEU A 66 11.01 42.48 -3.09
N PHE A 67 11.57 42.36 -4.31
CA PHE A 67 12.84 41.68 -4.51
C PHE A 67 14.00 42.57 -4.04
N ALA A 68 13.91 43.90 -4.30
CA ALA A 68 14.93 44.87 -3.91
C ALA A 68 15.05 44.92 -2.38
N ASP A 69 13.91 44.76 -1.66
CA ASP A 69 13.83 44.73 -0.21
C ASP A 69 14.58 43.53 0.33
N ARG A 70 14.31 42.33 -0.23
CA ARG A 70 14.97 41.07 0.12
C ARG A 70 16.50 41.19 0.10
N ILE A 71 17.08 41.74 -1.00
CA ILE A 71 18.52 41.90 -1.16
C ILE A 71 19.09 42.93 -0.17
N GLU A 72 18.46 44.12 -0.07
CA GLU A 72 18.85 45.19 0.85
C GLU A 72 18.91 44.70 2.30
N GLN A 73 17.93 43.85 2.70
CA GLN A 73 17.83 43.24 4.04
C GLN A 73 19.03 42.33 4.31
N ASN A 74 19.31 41.42 3.36
CA ASN A 74 20.37 40.42 3.44
C ASN A 74 21.68 40.88 2.77
N ALA A 75 21.94 42.20 2.72
CA ALA A 75 23.13 42.81 2.09
C ALA A 75 24.48 42.46 2.70
N GLU A 76 24.51 41.99 3.97
CA GLU A 76 25.75 41.65 4.68
C GLU A 76 26.22 40.23 4.40
N ARG A 77 25.25 39.27 4.24
CA ARG A 77 25.45 37.83 3.99
C ARG A 77 26.34 37.53 2.77
N GLU A 78 27.00 36.35 2.75
CA GLU A 78 27.90 35.91 1.68
C GLU A 78 27.18 34.96 0.71
N PHE A 79 25.98 34.54 1.10
CA PHE A 79 25.15 33.59 0.37
C PHE A 79 23.72 33.79 0.85
N ILE A 80 22.77 33.62 -0.10
CA ILE A 80 21.32 33.60 0.04
C ILE A 80 20.84 32.86 -1.19
N TYR A 81 19.69 32.20 -1.08
CA TYR A 81 19.11 31.47 -2.20
C TYR A 81 18.15 32.41 -2.93
N LEU A 82 18.26 32.48 -4.27
CA LEU A 82 17.35 33.29 -5.08
C LEU A 82 16.09 32.47 -5.35
N VAL A 83 16.25 31.23 -5.90
CA VAL A 83 15.16 30.30 -6.26
C VAL A 83 15.66 28.86 -6.50
N ARG A 84 14.95 27.87 -5.90
CA ARG A 84 15.23 26.43 -6.04
C ARG A 84 14.24 25.73 -6.99
N GLY A 85 14.71 24.67 -7.63
CA GLY A 85 13.90 23.77 -8.45
C GLY A 85 13.47 24.18 -9.84
N LEU A 86 14.05 25.25 -10.38
CA LEU A 86 13.78 25.73 -11.73
C LEU A 86 14.23 24.69 -12.76
N THR A 87 13.62 24.71 -13.95
CA THR A 87 14.05 23.82 -15.04
C THR A 87 15.41 24.32 -15.52
N PRO A 88 16.37 23.43 -15.86
CA PRO A 88 17.69 23.91 -16.32
C PRO A 88 17.65 25.01 -17.37
N GLU A 89 16.68 24.95 -18.29
CA GLU A 89 16.50 25.92 -19.37
C GLU A 89 15.98 27.31 -18.88
N GLN A 90 15.13 27.33 -17.83
CA GLN A 90 14.67 28.59 -17.23
C GLN A 90 15.74 29.12 -16.25
N GLY A 91 16.60 28.20 -15.79
CA GLY A 91 17.76 28.50 -14.96
C GLY A 91 18.82 29.14 -15.83
N GLU A 92 18.89 28.72 -17.12
CA GLU A 92 19.79 29.22 -18.16
C GLU A 92 19.42 30.69 -18.46
N GLY A 93 18.11 30.95 -18.62
CA GLY A 93 17.52 32.25 -18.90
C GLY A 93 17.90 33.34 -17.92
N VAL A 94 18.01 32.98 -16.63
CA VAL A 94 18.42 33.89 -15.55
C VAL A 94 19.95 34.09 -15.61
N ILE A 95 20.70 33.03 -15.93
CA ILE A 95 22.15 33.07 -16.10
C ILE A 95 22.51 33.88 -17.34
N ALA A 96 21.64 33.83 -18.38
CA ALA A 96 21.78 34.59 -19.62
C ALA A 96 21.76 36.11 -19.40
N LEU A 97 21.14 36.59 -18.28
CA LEU A 97 21.09 38.01 -17.89
C LEU A 97 22.48 38.56 -17.60
N LYS A 98 23.39 37.69 -17.08
CA LYS A 98 24.78 38.01 -16.73
C LYS A 98 24.83 39.03 -15.59
N VAL A 99 23.98 38.82 -14.56
CA VAL A 99 23.90 39.70 -13.38
C VAL A 99 25.03 39.33 -12.39
N PRO A 100 25.89 40.30 -12.00
CA PRO A 100 26.98 39.98 -11.05
C PRO A 100 26.47 39.52 -9.69
N GLY A 101 27.23 38.62 -9.06
CA GLY A 101 26.88 38.03 -7.78
C GLY A 101 25.83 36.93 -7.86
N VAL A 102 25.43 36.53 -9.09
CA VAL A 102 24.45 35.46 -9.31
C VAL A 102 25.13 34.15 -9.73
N TYR A 103 24.94 33.09 -8.90
CA TYR A 103 25.56 31.78 -9.09
C TYR A 103 24.53 30.63 -9.05
N SER A 104 24.87 29.46 -9.62
CA SER A 104 23.94 28.32 -9.69
C SER A 104 24.43 27.00 -9.10
N ILE A 105 23.47 26.15 -8.67
CA ILE A 105 23.69 24.82 -8.11
C ILE A 105 22.85 23.84 -8.92
N GLU A 106 23.50 22.79 -9.45
CA GLU A 106 22.83 21.69 -10.15
C GLU A 106 22.20 20.82 -9.05
N GLU A 107 20.87 20.65 -9.11
CA GLU A 107 20.09 19.91 -8.12
C GLU A 107 19.27 18.78 -8.80
N PHE A 108 18.62 17.93 -7.97
CA PHE A 108 17.76 16.83 -8.40
C PHE A 108 16.37 16.91 -7.77
N ARG A 109 15.36 16.71 -8.61
CA ARG A 109 13.94 16.69 -8.26
C ARG A 109 13.37 15.42 -8.89
N ARG A 110 12.41 14.81 -8.23
CA ARG A 110 11.85 13.58 -8.73
C ARG A 110 10.75 13.76 -9.73
N PHE A 111 10.84 12.98 -10.83
CA PHE A 111 9.77 12.83 -11.80
C PHE A 111 9.25 11.40 -11.64
N TYR A 112 7.93 11.27 -11.56
CA TYR A 112 7.22 10.02 -11.35
C TYR A 112 6.42 9.71 -12.60
N PRO A 113 6.98 8.92 -13.55
CA PRO A 113 6.29 8.67 -14.82
C PRO A 113 4.89 8.08 -14.76
N ALA A 114 4.58 7.16 -13.82
CA ALA A 114 3.21 6.62 -13.78
C ALA A 114 2.28 7.48 -12.91
N GLY A 115 2.77 8.64 -12.45
CA GLY A 115 2.02 9.60 -11.64
C GLY A 115 1.21 8.98 -10.52
N GLU A 116 -0.10 9.31 -10.50
CA GLU A 116 -1.12 8.91 -9.52
C GLU A 116 -1.35 7.39 -9.39
N VAL A 117 -1.03 6.64 -10.45
CA VAL A 117 -1.16 5.20 -10.54
C VAL A 117 -0.44 4.41 -9.45
N VAL A 118 0.80 4.79 -9.08
CA VAL A 118 1.60 4.10 -8.05
C VAL A 118 2.04 5.10 -6.98
N ALA A 119 1.23 6.15 -6.77
CA ALA A 119 1.56 7.26 -5.86
C ALA A 119 1.90 6.80 -4.48
N HIS A 120 1.01 5.98 -3.88
CA HIS A 120 1.17 5.53 -2.49
C HIS A 120 2.31 4.56 -2.26
N ALA A 121 2.45 3.58 -3.15
CA ALA A 121 3.52 2.59 -3.09
C ALA A 121 4.88 3.25 -3.26
N VAL A 122 5.08 4.02 -4.35
CA VAL A 122 6.37 4.73 -4.62
C VAL A 122 6.65 5.86 -3.62
N GLY A 123 5.63 6.64 -3.30
CA GLY A 123 5.77 7.78 -2.39
C GLY A 123 6.38 8.99 -3.09
N PHE A 124 6.88 9.95 -2.29
CA PHE A 124 7.54 11.14 -2.82
C PHE A 124 8.65 11.72 -1.91
N THR A 125 9.42 12.66 -2.45
CA THR A 125 10.56 13.32 -1.81
C THR A 125 10.18 14.71 -1.28
N ASP A 126 10.91 15.24 -0.29
CA ASP A 126 10.66 16.61 0.21
C ASP A 126 11.39 17.63 -0.67
N VAL A 127 11.49 18.94 -0.24
CA VAL A 127 12.21 19.98 -0.99
C VAL A 127 13.69 19.66 -1.17
N ASP A 128 14.27 18.93 -0.22
CA ASP A 128 15.67 18.54 -0.16
C ASP A 128 15.97 17.22 -0.88
N ASP A 129 14.99 16.70 -1.65
CA ASP A 129 15.07 15.44 -2.39
C ASP A 129 15.30 14.17 -1.47
N ARG A 130 14.74 14.21 -0.26
CA ARG A 130 14.83 13.11 0.70
C ARG A 130 13.48 12.45 0.66
N GLY A 131 13.44 11.13 0.85
CA GLY A 131 12.22 10.35 0.88
C GLY A 131 11.30 10.81 1.99
N ARG A 132 10.05 11.06 1.66
CA ARG A 132 9.03 11.62 2.56
C ARG A 132 7.83 10.66 2.73
N GLU A 133 7.63 9.77 1.75
CA GLU A 133 6.53 8.83 1.73
C GLU A 133 6.91 7.53 1.01
N GLY A 134 6.13 6.48 1.27
CA GLY A 134 6.24 5.13 0.71
C GLY A 134 7.66 4.61 0.56
N ILE A 135 7.94 3.93 -0.56
CA ILE A 135 9.28 3.41 -0.88
C ILE A 135 10.36 4.48 -0.73
N GLU A 136 10.13 5.71 -1.26
CA GLU A 136 11.08 6.84 -1.17
C GLU A 136 11.58 6.98 0.26
N LEU A 137 10.66 7.08 1.25
CA LEU A 137 11.01 7.16 2.67
C LEU A 137 11.62 5.83 3.17
N ALA A 138 10.95 4.68 2.90
CA ALA A 138 11.39 3.36 3.37
C ALA A 138 12.81 3.01 2.98
N PHE A 139 13.17 3.18 1.71
CA PHE A 139 14.52 2.84 1.21
C PHE A 139 15.39 4.06 1.01
N ASP A 140 15.12 5.13 1.78
CA ASP A 140 15.84 6.42 1.68
C ASP A 140 17.34 6.33 1.63
N GLU A 141 17.94 5.53 2.52
CA GLU A 141 19.39 5.33 2.62
C GLU A 141 19.91 4.66 1.34
N TRP A 142 19.21 3.62 0.87
CA TRP A 142 19.58 2.90 -0.35
C TRP A 142 19.54 3.83 -1.58
N LEU A 143 18.47 4.62 -1.67
CA LEU A 143 18.20 5.53 -2.78
C LEU A 143 19.01 6.82 -2.77
N ALA A 144 19.25 7.42 -1.57
CA ALA A 144 19.97 8.70 -1.45
C ALA A 144 21.42 8.71 -1.91
N GLY A 145 22.19 7.70 -1.55
CA GLY A 145 23.61 7.72 -1.86
C GLY A 145 24.35 8.66 -0.93
N VAL A 146 25.52 9.20 -1.38
CA VAL A 146 26.34 10.09 -0.55
C VAL A 146 26.67 11.41 -1.29
N PRO A 147 26.29 12.58 -0.70
CA PRO A 147 26.60 13.87 -1.35
C PRO A 147 28.08 14.20 -1.42
N GLY A 148 28.46 15.00 -2.41
CA GLY A 148 29.82 15.43 -2.67
C GLY A 148 30.31 16.63 -1.86
N LYS A 149 31.61 16.94 -2.02
CA LYS A 149 32.28 18.05 -1.33
C LYS A 149 33.41 18.60 -2.19
N ARG A 150 33.37 19.91 -2.46
CA ARG A 150 34.38 20.58 -3.27
C ARG A 150 35.02 21.74 -2.50
N GLN A 151 36.37 21.86 -2.60
CA GLN A 151 37.16 22.92 -1.96
C GLN A 151 37.15 24.20 -2.81
N VAL A 152 36.47 25.24 -2.29
CA VAL A 152 36.36 26.56 -2.94
C VAL A 152 37.26 27.62 -2.29
N LEU A 153 37.92 28.41 -3.13
CA LEU A 153 38.80 29.48 -2.68
C LEU A 153 38.26 30.86 -3.06
N LYS A 154 37.62 31.52 -2.09
CA LYS A 154 37.10 32.88 -2.24
C LYS A 154 38.20 33.81 -1.73
N ASP A 155 38.43 34.93 -2.43
CA ASP A 155 39.42 35.93 -2.03
C ASP A 155 39.01 36.54 -0.67
N ARG A 156 37.70 36.87 -0.55
CA ARG A 156 36.96 37.38 0.62
C ARG A 156 35.48 37.60 0.30
N ARG A 157 35.18 38.15 -0.90
CA ARG A 157 33.81 38.44 -1.37
C ARG A 157 33.04 37.20 -1.85
N GLY A 158 33.52 36.54 -2.90
CA GLY A 158 32.89 35.36 -3.48
C GLY A 158 33.26 35.06 -4.93
N ARG A 159 34.56 35.22 -5.28
CA ARG A 159 35.08 34.97 -6.63
C ARG A 159 35.56 33.51 -6.70
N VAL A 160 35.09 32.78 -7.74
CA VAL A 160 35.42 31.37 -7.97
C VAL A 160 36.89 31.29 -8.45
N ILE A 161 37.84 31.15 -7.50
CA ILE A 161 39.26 31.08 -7.83
C ILE A 161 39.70 29.65 -8.18
N LYS A 162 40.21 28.87 -7.20
CA LYS A 162 40.71 27.52 -7.45
C LYS A 162 39.98 26.35 -6.80
N ASP A 163 39.97 25.21 -7.52
CA ASP A 163 39.38 23.94 -7.13
C ASP A 163 40.48 22.87 -7.28
N VAL A 164 41.62 23.08 -6.56
CA VAL A 164 42.84 22.25 -6.55
C VAL A 164 42.55 20.73 -6.51
N GLN A 165 41.66 20.30 -5.60
CA GLN A 165 41.29 18.89 -5.43
C GLN A 165 39.78 18.64 -5.37
N VAL A 166 39.36 17.42 -5.76
CA VAL A 166 37.95 16.99 -5.75
C VAL A 166 37.42 16.67 -4.33
N THR A 167 38.31 16.70 -3.31
CA THR A 167 38.05 16.44 -1.88
C THR A 167 37.44 15.06 -1.62
N LYS A 168 36.14 14.88 -1.94
CA LYS A 168 35.36 13.66 -1.80
C LYS A 168 34.34 13.62 -2.93
N ASN A 169 34.37 12.53 -3.73
CA ASN A 169 33.49 12.27 -4.88
C ASN A 169 32.02 12.12 -4.44
N ALA A 170 31.08 12.63 -5.26
CA ALA A 170 29.64 12.52 -5.00
C ALA A 170 29.16 11.13 -5.42
N LYS A 171 28.70 10.32 -4.44
CA LYS A 171 28.23 8.96 -4.67
C LYS A 171 26.75 8.86 -5.07
N PRO A 172 26.44 8.24 -6.24
CA PRO A 172 25.03 8.11 -6.63
C PRO A 172 24.33 7.08 -5.77
N GLY A 173 23.00 7.21 -5.67
CA GLY A 173 22.14 6.28 -4.97
C GLY A 173 21.96 5.01 -5.78
N LYS A 174 21.59 3.92 -5.13
CA LYS A 174 21.43 2.64 -5.81
C LYS A 174 20.01 2.44 -6.36
N THR A 175 19.93 1.76 -7.51
CA THR A 175 18.68 1.40 -8.18
C THR A 175 17.88 0.42 -7.34
N LEU A 176 16.55 0.57 -7.34
CA LEU A 176 15.65 -0.35 -6.64
C LEU A 176 14.52 -0.75 -7.58
N ALA A 177 14.31 -2.05 -7.72
CA ALA A 177 13.28 -2.67 -8.51
C ALA A 177 12.24 -3.16 -7.50
N LEU A 178 11.03 -2.61 -7.58
CA LEU A 178 9.95 -2.97 -6.66
C LEU A 178 9.34 -4.28 -7.08
N SER A 179 8.60 -4.93 -6.19
CA SER A 179 7.90 -6.18 -6.45
C SER A 179 6.65 -5.90 -7.34
N ILE A 180 6.26 -4.61 -7.48
CA ILE A 180 5.10 -4.15 -8.23
C ILE A 180 5.21 -4.42 -9.70
N ASP A 181 4.12 -4.93 -10.29
CA ASP A 181 4.00 -5.10 -11.71
C ASP A 181 3.09 -3.94 -12.12
N LEU A 182 3.61 -2.97 -12.92
CA LEU A 182 2.87 -1.78 -13.38
C LEU A 182 1.62 -2.14 -14.20
N ARG A 183 1.72 -3.21 -14.98
CA ARG A 183 0.59 -3.74 -15.75
C ARG A 183 -0.56 -4.06 -14.82
N LEU A 184 -0.27 -4.82 -13.71
CA LEU A 184 -1.26 -5.17 -12.68
C LEU A 184 -1.64 -3.98 -11.86
N GLN A 185 -0.69 -3.04 -11.61
CA GLN A 185 -0.94 -1.80 -10.86
C GLN A 185 -2.02 -0.92 -11.54
N TYR A 186 -1.90 -0.76 -12.87
CA TYR A 186 -2.84 0.01 -13.71
C TYR A 186 -4.25 -0.59 -13.66
N LEU A 187 -4.37 -1.92 -13.86
CA LEU A 187 -5.67 -2.60 -13.86
C LEU A 187 -6.32 -2.41 -12.50
N ALA A 188 -5.57 -2.70 -11.40
CA ALA A 188 -6.08 -2.57 -10.02
C ALA A 188 -6.47 -1.10 -9.80
N HIS A 189 -5.62 -0.15 -10.24
CA HIS A 189 -5.88 1.28 -10.12
C HIS A 189 -7.21 1.68 -10.78
N ARG A 190 -7.35 1.33 -12.07
CA ARG A 190 -8.53 1.66 -12.85
C ARG A 190 -9.78 1.08 -12.25
N GLU A 191 -9.75 -0.23 -11.97
CA GLU A 191 -10.91 -0.90 -11.41
C GLU A 191 -11.31 -0.37 -10.03
N LEU A 192 -10.33 -0.01 -9.18
CA LEU A 192 -10.68 0.50 -7.86
C LEU A 192 -11.38 1.86 -7.96
N ARG A 193 -10.86 2.73 -8.85
CA ARG A 193 -11.40 4.05 -9.15
C ARG A 193 -12.83 3.88 -9.69
N ASN A 194 -13.05 2.97 -10.67
CA ASN A 194 -14.39 2.68 -11.22
C ASN A 194 -15.40 2.19 -10.15
N ALA A 195 -14.95 1.31 -9.23
CA ALA A 195 -15.77 0.80 -8.12
C ALA A 195 -16.27 1.97 -7.25
N LEU A 196 -15.36 2.87 -6.85
CA LEU A 196 -15.61 4.04 -6.03
C LEU A 196 -16.67 4.95 -6.58
N LEU A 197 -16.55 5.30 -7.85
CA LEU A 197 -17.49 6.19 -8.55
C LEU A 197 -18.86 5.54 -8.72
N GLU A 198 -18.87 4.24 -9.02
CA GLU A 198 -20.09 3.41 -9.17
C GLU A 198 -20.84 3.26 -7.83
N ASN A 199 -20.09 3.20 -6.72
CA ASN A 199 -20.66 3.05 -5.38
C ASN A 199 -20.73 4.34 -4.55
N GLY A 200 -20.25 5.44 -5.10
CA GLY A 200 -20.20 6.73 -4.38
C GLY A 200 -19.42 6.64 -3.09
N ALA A 201 -18.38 5.77 -3.05
CA ALA A 201 -17.60 5.50 -1.86
C ALA A 201 -16.61 6.61 -1.48
N LYS A 202 -16.31 6.71 -0.17
CA LYS A 202 -15.41 7.72 0.39
C LYS A 202 -13.95 7.36 0.04
N ALA A 203 -13.60 6.08 0.19
CA ALA A 203 -12.24 5.60 -0.01
C ALA A 203 -12.23 4.16 -0.43
N GLY A 204 -11.03 3.62 -0.60
CA GLY A 204 -10.81 2.23 -0.96
C GLY A 204 -9.35 1.82 -1.00
N SER A 205 -9.11 0.53 -0.91
CA SER A 205 -7.78 -0.06 -1.09
C SER A 205 -7.93 -1.36 -1.86
N LEU A 206 -6.86 -1.81 -2.50
CA LEU A 206 -6.80 -3.10 -3.20
C LEU A 206 -5.37 -3.52 -3.19
N VAL A 207 -5.11 -4.72 -2.65
CA VAL A 207 -3.76 -5.29 -2.62
C VAL A 207 -3.81 -6.59 -3.42
N ILE A 208 -2.78 -6.79 -4.27
CA ILE A 208 -2.52 -8.02 -5.01
C ILE A 208 -1.21 -8.57 -4.54
N MET A 209 -1.14 -9.88 -4.28
CA MET A 209 0.10 -10.50 -3.82
C MET A 209 0.37 -11.82 -4.49
N ASP A 210 1.64 -12.14 -4.64
CA ASP A 210 2.11 -13.42 -5.14
C ASP A 210 2.20 -14.33 -3.93
N VAL A 211 1.30 -15.32 -3.83
CA VAL A 211 1.29 -16.26 -2.71
C VAL A 211 2.57 -17.09 -2.58
N LYS A 212 3.26 -17.35 -3.71
CA LYS A 212 4.51 -18.14 -3.76
C LYS A 212 5.76 -17.40 -3.30
N THR A 213 5.82 -16.05 -3.58
CA THR A 213 7.03 -15.26 -3.28
C THR A 213 6.88 -14.19 -2.17
N GLY A 214 5.65 -13.90 -1.74
CA GLY A 214 5.39 -12.84 -0.75
C GLY A 214 5.45 -11.46 -1.36
N GLU A 215 5.58 -11.37 -2.69
CA GLU A 215 5.64 -10.10 -3.39
C GLU A 215 4.30 -9.40 -3.48
N ILE A 216 4.29 -8.10 -3.22
CA ILE A 216 3.10 -7.25 -3.38
C ILE A 216 3.17 -6.83 -4.86
N LEU A 217 2.30 -7.36 -5.71
CA LEU A 217 2.28 -7.09 -7.17
C LEU A 217 1.53 -5.81 -7.55
N ALA A 218 0.61 -5.41 -6.68
CA ALA A 218 -0.17 -4.19 -6.83
C ALA A 218 -0.70 -3.78 -5.48
N MET A 219 -0.65 -2.49 -5.25
CA MET A 219 -1.17 -1.88 -4.06
C MET A 219 -1.70 -0.51 -4.50
N THR A 220 -3.00 -0.38 -4.51
CA THR A 220 -3.61 0.89 -4.92
C THR A 220 -4.59 1.41 -3.88
N ASN A 221 -4.79 2.72 -3.84
CA ASN A 221 -5.78 3.31 -2.92
C ASN A 221 -6.48 4.42 -3.61
N GLN A 222 -7.68 4.76 -3.11
CA GLN A 222 -8.51 5.89 -3.51
C GLN A 222 -8.92 6.57 -2.21
N PRO A 223 -8.75 7.91 -2.10
CA PRO A 223 -8.27 8.82 -3.16
C PRO A 223 -6.76 8.71 -3.35
N THR A 224 -6.31 9.18 -4.53
CA THR A 224 -4.89 9.26 -4.89
C THR A 224 -4.53 10.71 -5.31
N TYR A 225 -3.26 10.96 -5.66
CA TYR A 225 -2.78 12.29 -6.04
C TYR A 225 -1.67 12.13 -7.05
N ASN A 226 -1.39 13.20 -7.82
CA ASN A 226 -0.31 13.21 -8.79
C ASN A 226 0.91 13.71 -8.02
N PRO A 227 1.91 12.83 -7.72
CA PRO A 227 3.10 13.26 -6.96
C PRO A 227 4.06 14.18 -7.74
N ASN A 228 3.71 14.52 -8.99
CA ASN A 228 4.50 15.41 -9.85
C ASN A 228 3.99 16.85 -9.65
N ASN A 229 2.77 16.96 -9.08
CA ASN A 229 2.08 18.21 -8.76
C ASN A 229 2.25 18.55 -7.27
N ARG A 230 3.36 19.21 -6.97
CA ARG A 230 3.79 19.58 -5.61
C ARG A 230 2.95 20.65 -4.88
N ARG A 231 1.91 21.18 -5.56
CA ARG A 231 1.00 22.17 -4.99
C ARG A 231 -0.32 21.50 -4.58
N ASN A 232 -1.13 22.19 -3.75
CA ASN A 232 -2.44 21.75 -3.22
C ASN A 232 -2.37 20.58 -2.21
N LEU A 233 -1.61 19.51 -2.54
CA LEU A 233 -1.36 18.26 -1.79
C LEU A 233 -2.28 17.93 -0.61
N GLN A 234 -3.43 17.31 -0.92
CA GLN A 234 -4.46 16.89 0.03
C GLN A 234 -3.91 15.75 0.91
N PRO A 235 -3.65 15.97 2.23
CA PRO A 235 -3.11 14.88 3.07
C PRO A 235 -3.94 13.60 3.10
N ALA A 236 -5.30 13.71 2.94
CA ALA A 236 -6.24 12.56 2.87
C ALA A 236 -5.95 11.75 1.62
N ALA A 237 -5.72 12.43 0.46
CA ALA A 237 -5.35 11.79 -0.81
C ALA A 237 -3.95 11.21 -0.78
N MET A 238 -3.12 11.58 0.21
CA MET A 238 -1.75 11.06 0.32
C MET A 238 -1.63 9.86 1.22
N ARG A 239 -2.71 9.50 1.91
CA ARG A 239 -2.72 8.39 2.86
C ARG A 239 -2.66 7.05 2.13
N ASN A 240 -1.63 6.22 2.44
CA ASN A 240 -1.50 4.88 1.87
C ASN A 240 -2.34 3.97 2.75
N ARG A 241 -3.66 4.05 2.56
CA ARG A 241 -4.73 3.40 3.33
C ARG A 241 -4.52 1.91 3.53
N ALA A 242 -4.07 1.23 2.48
CA ALA A 242 -3.74 -0.21 2.47
C ALA A 242 -2.77 -0.59 3.56
N MET A 243 -1.86 0.33 3.95
CA MET A 243 -0.84 0.12 4.98
C MET A 243 -1.06 0.92 6.27
N ILE A 244 -1.84 2.01 6.21
CA ILE A 244 -2.01 2.91 7.33
C ILE A 244 -3.42 3.00 7.88
N ASP A 245 -4.45 2.41 7.20
CA ASP A 245 -5.85 2.47 7.65
C ASP A 245 -6.35 1.16 8.29
N VAL A 246 -6.50 1.15 9.61
CA VAL A 246 -6.94 -0.09 10.26
C VAL A 246 -8.44 -0.24 10.17
N PHE A 247 -8.91 -1.49 10.13
CA PHE A 247 -10.34 -1.75 10.06
C PHE A 247 -10.62 -3.10 10.69
N GLU A 248 -11.91 -3.32 11.03
CA GLU A 248 -12.44 -4.58 11.54
C GLU A 248 -12.67 -5.48 10.32
N PRO A 249 -11.96 -6.64 10.24
CA PRO A 249 -12.10 -7.49 9.04
C PRO A 249 -13.42 -8.26 8.94
N GLY A 250 -14.12 -8.41 10.07
CA GLY A 250 -15.39 -9.11 10.10
C GLY A 250 -15.28 -10.51 9.55
N SER A 251 -16.27 -10.92 8.73
CA SER A 251 -16.36 -12.27 8.14
C SER A 251 -15.15 -12.76 7.30
N THR A 252 -14.25 -11.86 6.86
CA THR A 252 -13.03 -12.26 6.13
C THR A 252 -12.06 -13.04 7.01
N VAL A 253 -12.33 -13.09 8.34
CA VAL A 253 -11.48 -13.85 9.27
C VAL A 253 -11.99 -15.26 9.59
N LYS A 254 -13.28 -15.57 9.26
CA LYS A 254 -13.92 -16.90 9.46
C LYS A 254 -13.09 -18.06 8.81
N PRO A 255 -12.38 -17.93 7.65
CA PRO A 255 -11.50 -19.03 7.20
C PRO A 255 -10.42 -19.41 8.21
N PHE A 256 -9.97 -18.46 9.06
CA PHE A 256 -8.93 -18.71 10.07
C PHE A 256 -9.48 -19.41 11.31
N SER A 257 -10.71 -19.02 11.71
CA SER A 257 -11.44 -19.68 12.79
C SER A 257 -11.74 -21.14 12.34
N MET A 258 -12.05 -21.35 11.05
CA MET A 258 -12.32 -22.67 10.44
C MET A 258 -11.04 -23.48 10.42
N SER A 259 -9.89 -22.85 10.10
CA SER A 259 -8.60 -23.56 10.12
C SER A 259 -8.34 -24.09 11.51
N ALA A 260 -8.61 -23.30 12.58
CA ALA A 260 -8.46 -23.74 13.97
C ALA A 260 -9.41 -24.88 14.26
N ALA A 261 -10.65 -24.87 13.69
CA ALA A 261 -11.62 -25.94 13.90
C ALA A 261 -11.17 -27.28 13.33
N LEU A 262 -10.72 -27.28 12.09
CA LEU A 262 -10.25 -28.49 11.39
C LEU A 262 -8.94 -29.00 11.99
N ALA A 263 -8.14 -28.09 12.58
CA ALA A 263 -6.84 -28.41 13.17
C ALA A 263 -6.98 -29.03 14.55
N SER A 264 -8.10 -28.75 15.23
CA SER A 264 -8.34 -29.16 16.60
C SER A 264 -8.57 -30.66 16.74
N GLY A 265 -9.06 -31.27 15.67
CA GLY A 265 -9.40 -32.68 15.58
C GLY A 265 -10.86 -32.94 15.87
N ARG A 266 -11.59 -31.89 16.25
CA ARG A 266 -12.98 -31.91 16.67
C ARG A 266 -13.96 -31.61 15.55
N TRP A 267 -13.49 -31.17 14.37
CA TRP A 267 -14.38 -30.81 13.27
C TRP A 267 -13.89 -31.26 11.91
N LYS A 268 -14.85 -31.60 11.05
CA LYS A 268 -14.69 -31.97 9.65
C LYS A 268 -15.72 -31.19 8.83
N PRO A 269 -15.48 -30.93 7.52
CA PRO A 269 -16.42 -30.10 6.74
C PRO A 269 -17.87 -30.57 6.71
N SER A 270 -18.11 -31.89 6.67
CA SER A 270 -19.46 -32.47 6.68
C SER A 270 -20.21 -32.35 8.06
N ASP A 271 -19.51 -31.90 9.13
CA ASP A 271 -20.19 -31.75 10.43
C ASP A 271 -21.25 -30.68 10.38
N ILE A 272 -22.20 -30.74 11.30
CA ILE A 272 -23.32 -29.82 11.34
C ILE A 272 -23.31 -28.93 12.60
N VAL A 273 -23.74 -27.67 12.43
CA VAL A 273 -23.92 -26.71 13.50
C VAL A 273 -25.38 -26.21 13.37
N ASP A 274 -26.12 -26.25 14.47
CA ASP A 274 -27.49 -25.73 14.48
C ASP A 274 -27.44 -24.25 14.81
N VAL A 275 -27.79 -23.40 13.82
CA VAL A 275 -27.78 -21.94 13.94
C VAL A 275 -29.17 -21.33 14.22
N TYR A 276 -30.23 -22.17 14.33
CA TYR A 276 -31.60 -21.70 14.59
C TYR A 276 -31.66 -21.07 16.00
N PRO A 277 -32.41 -19.95 16.22
CA PRO A 277 -33.23 -19.14 15.29
C PRO A 277 -32.49 -18.04 14.52
N GLY A 278 -31.18 -18.18 14.35
CA GLY A 278 -30.35 -17.20 13.68
C GLY A 278 -29.79 -16.13 14.60
N THR A 279 -30.01 -16.32 15.91
CA THR A 279 -29.53 -15.49 17.00
C THR A 279 -29.06 -16.45 18.06
N LEU A 280 -28.15 -15.99 18.92
CA LEU A 280 -27.60 -16.76 20.03
C LEU A 280 -27.31 -15.75 21.13
N GLN A 281 -27.99 -15.91 22.25
CA GLN A 281 -27.76 -15.02 23.38
C GLN A 281 -26.58 -15.54 24.23
N ILE A 282 -25.66 -14.63 24.56
CA ILE A 282 -24.48 -14.87 25.38
C ILE A 282 -24.47 -13.82 26.48
N GLY A 283 -24.93 -14.23 27.66
CA GLY A 283 -25.03 -13.42 28.86
C GLY A 283 -25.78 -12.12 28.65
N ARG A 284 -25.03 -11.04 28.42
CA ARG A 284 -25.53 -9.68 28.22
C ARG A 284 -25.60 -9.27 26.72
N TYR A 285 -24.91 -10.01 25.84
CA TYR A 285 -24.83 -9.74 24.41
C TYR A 285 -25.58 -10.81 23.59
N THR A 286 -26.09 -10.44 22.39
CA THR A 286 -26.77 -11.37 21.48
C THR A 286 -26.09 -11.45 20.12
N ILE A 287 -25.47 -12.61 19.79
CA ILE A 287 -24.82 -12.81 18.48
C ILE A 287 -25.96 -12.96 17.48
N ARG A 288 -25.85 -12.32 16.30
CA ARG A 288 -26.89 -12.31 15.27
C ARG A 288 -26.40 -12.55 13.85
N ASP A 289 -27.22 -13.26 13.06
CA ASP A 289 -26.99 -13.53 11.63
C ASP A 289 -27.93 -12.67 10.81
N VAL A 290 -27.55 -12.28 9.59
CA VAL A 290 -28.43 -11.45 8.74
C VAL A 290 -29.64 -12.27 8.24
N SER A 291 -29.37 -13.42 7.59
CA SER A 291 -30.41 -14.31 7.12
C SER A 291 -30.65 -15.29 8.27
N ARG A 292 -31.87 -15.40 8.70
CA ARG A 292 -32.17 -16.25 9.84
C ARG A 292 -33.25 -17.26 9.45
N ASN A 293 -32.99 -18.00 8.34
CA ASN A 293 -33.85 -19.05 7.80
C ASN A 293 -33.05 -20.39 7.72
N SER A 294 -32.18 -20.63 8.73
CA SER A 294 -31.39 -21.84 8.82
C SER A 294 -31.53 -22.55 10.17
N ARG A 295 -31.29 -23.86 10.16
CA ARG A 295 -31.23 -24.69 11.36
C ARG A 295 -29.89 -25.31 11.24
N GLN A 296 -29.81 -26.50 10.57
CA GLN A 296 -28.54 -27.20 10.35
C GLN A 296 -27.76 -26.68 9.18
N LEU A 297 -26.50 -26.42 9.42
CA LEU A 297 -25.57 -25.91 8.41
C LEU A 297 -24.27 -26.66 8.56
N ASP A 298 -23.67 -27.11 7.45
CA ASP A 298 -22.35 -27.72 7.55
C ASP A 298 -21.34 -26.57 7.61
N LEU A 299 -20.05 -26.87 7.81
CA LEU A 299 -19.00 -25.85 7.97
C LEU A 299 -18.86 -24.99 6.74
N THR A 300 -19.02 -25.58 5.54
CA THR A 300 -18.99 -24.85 4.26
C THR A 300 -20.18 -23.88 4.19
N GLY A 301 -21.35 -24.37 4.60
CA GLY A 301 -22.62 -23.64 4.70
C GLY A 301 -22.51 -22.48 5.67
N ILE A 302 -21.78 -22.66 6.80
CA ILE A 302 -21.50 -21.56 7.77
C ILE A 302 -20.75 -20.44 7.01
N LEU A 303 -19.71 -20.80 6.24
CA LEU A 303 -18.95 -19.84 5.43
C LEU A 303 -19.81 -19.21 4.30
N ILE A 304 -20.60 -20.03 3.56
CA ILE A 304 -21.46 -19.55 2.45
C ILE A 304 -22.51 -18.56 2.95
N LYS A 305 -23.12 -18.85 4.10
CA LYS A 305 -24.17 -18.00 4.67
C LYS A 305 -23.61 -16.90 5.56
N SER A 306 -22.29 -16.93 5.78
CA SER A 306 -21.53 -16.07 6.68
C SER A 306 -22.29 -15.99 7.98
N SER A 307 -22.42 -17.18 8.64
CA SER A 307 -23.13 -17.30 9.88
C SER A 307 -22.23 -17.02 11.09
N ASN A 308 -22.53 -15.90 11.80
CA ASN A 308 -21.86 -15.45 13.02
C ASN A 308 -22.22 -16.44 14.14
N VAL A 309 -23.49 -16.85 14.20
CA VAL A 309 -23.98 -17.85 15.16
C VAL A 309 -23.17 -19.17 15.02
N GLY A 310 -23.14 -19.74 13.81
CA GLY A 310 -22.43 -20.97 13.47
C GLY A 310 -20.96 -20.95 13.86
N ILE A 311 -20.23 -19.90 13.41
CA ILE A 311 -18.80 -19.74 13.75
C ILE A 311 -18.55 -19.51 15.25
N SER A 312 -19.48 -18.81 15.93
CA SER A 312 -19.36 -18.58 17.38
C SER A 312 -19.51 -19.92 18.13
N LYS A 313 -20.38 -20.82 17.63
CA LYS A 313 -20.61 -22.15 18.24
C LYS A 313 -19.41 -23.06 18.09
N ILE A 314 -18.76 -23.02 16.92
CA ILE A 314 -17.53 -23.81 16.72
C ILE A 314 -16.44 -23.25 17.67
N ALA A 315 -16.35 -21.91 17.80
CA ALA A 315 -15.38 -21.22 18.67
C ALA A 315 -15.47 -21.66 20.11
N PHE A 316 -16.71 -21.82 20.63
CA PHE A 316 -16.95 -22.20 22.03
C PHE A 316 -16.49 -23.60 22.28
N ASP A 317 -16.65 -24.48 21.26
CA ASP A 317 -16.25 -25.87 21.31
C ASP A 317 -14.73 -26.02 21.30
N ILE A 318 -14.02 -25.30 20.40
CA ILE A 318 -12.56 -25.41 20.24
C ILE A 318 -11.71 -24.53 21.20
N GLY A 319 -12.30 -23.43 21.66
CA GLY A 319 -11.62 -22.48 22.53
C GLY A 319 -11.04 -21.36 21.70
N ALA A 320 -11.12 -20.12 22.20
CA ALA A 320 -10.62 -18.95 21.49
C ALA A 320 -9.11 -18.97 21.27
N GLU A 321 -8.35 -19.59 22.19
CA GLU A 321 -6.89 -19.66 22.09
C GLU A 321 -6.42 -20.27 20.79
N SER A 322 -7.09 -21.31 20.31
CA SER A 322 -6.68 -21.93 19.04
C SER A 322 -6.94 -21.01 17.84
N ILE A 323 -8.00 -20.18 17.92
CA ILE A 323 -8.40 -19.21 16.89
C ILE A 323 -7.41 -18.08 16.91
N TYR A 324 -7.14 -17.51 18.10
CA TYR A 324 -6.18 -16.44 18.28
C TYR A 324 -4.85 -16.83 17.62
N SER A 325 -4.30 -18.00 17.99
CA SER A 325 -3.03 -18.53 17.47
C SER A 325 -2.94 -18.55 15.95
N VAL A 326 -3.96 -19.09 15.23
CA VAL A 326 -3.97 -19.10 13.75
C VAL A 326 -3.83 -17.66 13.24
N MET A 327 -4.69 -16.77 13.73
CA MET A 327 -4.71 -15.37 13.32
C MET A 327 -3.41 -14.67 13.56
N GLN A 328 -2.77 -14.93 14.69
CA GLN A 328 -1.48 -14.35 15.07
C GLN A 328 -0.36 -14.84 14.15
N GLN A 329 -0.31 -16.14 13.90
CA GLN A 329 0.67 -16.81 13.02
C GLN A 329 0.55 -16.36 11.55
N VAL A 330 -0.69 -16.12 11.05
CA VAL A 330 -0.89 -15.66 9.66
C VAL A 330 -0.58 -14.14 9.53
N GLY A 331 -0.34 -13.48 10.67
CA GLY A 331 0.02 -12.07 10.71
C GLY A 331 -1.10 -11.04 10.87
N LEU A 332 -2.28 -11.42 11.41
CA LEU A 332 -3.31 -10.40 11.59
C LEU A 332 -2.99 -9.62 12.88
N GLY A 333 -2.96 -8.28 12.79
CA GLY A 333 -2.61 -7.44 13.92
C GLY A 333 -1.14 -7.53 14.35
N GLN A 334 -0.26 -8.02 13.46
CA GLN A 334 1.19 -8.22 13.66
C GLN A 334 2.01 -7.35 12.69
N ASP A 335 3.25 -7.01 13.11
CA ASP A 335 4.21 -6.24 12.30
C ASP A 335 4.50 -6.98 10.99
N THR A 336 4.38 -6.29 9.83
CA THR A 336 4.62 -6.92 8.50
C THR A 336 6.11 -7.16 8.21
N GLY A 337 6.97 -6.51 8.98
CA GLY A 337 8.42 -6.54 8.75
C GLY A 337 8.81 -5.60 7.61
N LEU A 338 7.81 -4.92 6.98
CA LEU A 338 8.06 -4.03 5.83
C LEU A 338 8.80 -2.76 6.16
N GLY A 339 8.65 -2.29 7.40
CA GLY A 339 9.31 -1.07 7.88
C GLY A 339 8.97 0.14 7.04
N PHE A 340 7.67 0.34 6.78
CA PHE A 340 7.17 1.49 6.01
C PHE A 340 6.79 2.67 6.91
N PRO A 341 6.76 3.90 6.30
CA PRO A 341 6.40 5.13 7.03
C PRO A 341 5.15 5.10 7.90
N GLY A 342 5.33 5.09 9.21
CA GLY A 342 4.19 5.07 10.14
C GLY A 342 3.07 4.11 9.75
N GLU A 343 3.46 2.93 9.28
CA GLU A 343 2.60 1.81 8.87
C GLU A 343 1.90 1.35 10.15
N ARG A 344 0.60 1.05 10.06
CA ARG A 344 -0.14 0.64 11.22
C ARG A 344 -0.11 -0.85 11.41
N VAL A 345 -0.05 -1.29 12.67
CA VAL A 345 0.07 -2.71 13.06
C VAL A 345 -1.32 -3.29 13.46
N GLY A 346 -2.24 -2.41 13.86
CA GLY A 346 -3.57 -2.82 14.27
C GLY A 346 -3.57 -3.47 15.63
N ASN A 347 -4.57 -4.35 15.86
CA ASN A 347 -4.73 -5.02 17.13
C ASN A 347 -5.51 -6.32 17.02
N LEU A 348 -4.95 -7.36 17.60
CA LEU A 348 -5.57 -8.66 17.69
C LEU A 348 -5.74 -8.83 19.19
N PRO A 349 -7.00 -8.86 19.72
CA PRO A 349 -7.17 -8.97 21.20
C PRO A 349 -6.64 -10.30 21.76
N ASN A 350 -6.13 -10.27 22.98
CA ASN A 350 -5.62 -11.47 23.65
C ASN A 350 -6.04 -11.49 25.10
N HIS A 351 -6.26 -12.69 25.61
CA HIS A 351 -6.71 -12.94 26.97
C HIS A 351 -6.03 -14.19 27.57
N ARG A 352 -6.04 -14.30 28.93
CA ARG A 352 -5.56 -15.50 29.63
C ARG A 352 -6.80 -16.40 29.65
N LYS A 353 -7.93 -15.88 30.18
CA LYS A 353 -9.23 -16.56 30.16
C LYS A 353 -10.17 -15.77 29.24
N TRP A 354 -10.54 -16.36 28.11
CA TRP A 354 -11.43 -15.69 27.17
C TRP A 354 -12.91 -15.76 27.61
N PRO A 355 -13.61 -14.63 27.91
CA PRO A 355 -15.04 -14.75 28.22
C PRO A 355 -15.78 -15.19 26.94
N LYS A 356 -16.96 -15.78 27.10
CA LYS A 356 -17.72 -16.27 25.95
C LYS A 356 -17.96 -15.20 24.85
N ALA A 357 -18.29 -13.97 25.26
CA ALA A 357 -18.56 -12.84 24.36
C ALA A 357 -17.34 -12.46 23.50
N GLU A 358 -16.13 -12.52 24.07
CA GLU A 358 -14.91 -12.20 23.35
C GLU A 358 -14.48 -13.31 22.39
N THR A 359 -14.77 -14.59 22.75
CA THR A 359 -14.46 -15.78 21.96
C THR A 359 -15.20 -15.74 20.61
N ALA A 360 -16.49 -15.39 20.65
CA ALA A 360 -17.42 -15.30 19.53
C ALA A 360 -17.01 -14.17 18.58
N THR A 361 -16.80 -12.96 19.12
CA THR A 361 -16.42 -11.74 18.37
C THR A 361 -15.10 -11.93 17.66
N LEU A 362 -14.10 -12.57 18.34
CA LEU A 362 -12.83 -12.94 17.69
C LEU A 362 -13.13 -13.83 16.49
N ALA A 363 -13.91 -14.93 16.71
CA ALA A 363 -14.28 -15.88 15.65
C ALA A 363 -14.93 -15.22 14.42
N TYR A 364 -15.73 -14.15 14.60
CA TYR A 364 -16.34 -13.48 13.46
C TYR A 364 -15.76 -12.12 13.01
N GLY A 365 -14.64 -11.73 13.59
CA GLY A 365 -13.90 -10.53 13.19
C GLY A 365 -14.32 -9.16 13.69
N TYR A 366 -15.18 -9.10 14.72
CA TYR A 366 -15.61 -7.82 15.26
C TYR A 366 -14.55 -7.34 16.26
N GLY A 367 -14.04 -8.25 17.06
CA GLY A 367 -12.96 -7.95 17.98
C GLY A 367 -11.61 -8.06 17.29
N LEU A 368 -11.18 -6.97 16.57
CA LEU A 368 -9.89 -6.83 15.85
C LEU A 368 -9.75 -5.70 14.81
N SER A 369 -8.51 -5.21 14.66
CA SER A 369 -8.09 -4.16 13.73
C SER A 369 -6.94 -4.71 12.90
N VAL A 370 -7.10 -4.73 11.58
CA VAL A 370 -6.03 -5.20 10.68
C VAL A 370 -5.92 -4.18 9.55
N THR A 371 -4.86 -4.28 8.72
CA THR A 371 -4.68 -3.46 7.51
C THR A 371 -4.97 -4.34 6.29
N ALA A 372 -5.20 -3.73 5.13
CA ALA A 372 -5.44 -4.46 3.88
C ALA A 372 -4.24 -5.38 3.56
N ILE A 373 -3.02 -4.91 3.80
CA ILE A 373 -1.81 -5.69 3.56
C ILE A 373 -1.72 -6.93 4.44
N GLN A 374 -2.14 -6.85 5.72
CA GLN A 374 -2.12 -7.99 6.63
C GLN A 374 -3.13 -9.02 6.19
N LEU A 375 -4.37 -8.57 5.86
CA LEU A 375 -5.40 -9.48 5.42
C LEU A 375 -4.98 -10.28 4.16
N ALA A 376 -4.37 -9.62 3.19
CA ALA A 376 -3.91 -10.21 1.91
C ALA A 376 -2.84 -11.26 2.17
N HIS A 377 -1.87 -10.91 3.02
CA HIS A 377 -0.76 -11.76 3.45
C HIS A 377 -1.25 -13.01 4.13
N ALA A 378 -2.29 -12.86 4.98
CA ALA A 378 -2.94 -13.93 5.71
C ALA A 378 -3.62 -14.86 4.71
N TYR A 379 -4.32 -14.32 3.72
CA TYR A 379 -4.94 -15.12 2.64
C TYR A 379 -3.87 -15.74 1.76
N ALA A 380 -2.69 -15.11 1.68
CA ALA A 380 -1.57 -15.62 0.90
C ALA A 380 -1.07 -16.90 1.52
N ALA A 381 -0.86 -16.93 2.86
CA ALA A 381 -0.38 -18.13 3.56
C ALA A 381 -1.36 -19.29 3.41
N LEU A 382 -2.66 -19.01 3.49
CA LEU A 382 -3.74 -19.98 3.31
C LEU A 382 -3.73 -20.59 1.90
N ALA A 383 -3.55 -19.73 0.88
CA ALA A 383 -3.52 -20.10 -0.54
C ALA A 383 -2.27 -20.88 -0.90
N ASN A 384 -1.15 -20.54 -0.27
CA ASN A 384 0.16 -21.17 -0.46
C ASN A 384 0.29 -22.41 0.44
N ASP A 385 -0.79 -23.19 0.57
CA ASP A 385 -0.86 -24.42 1.38
C ASP A 385 -0.42 -24.29 2.86
N GLY A 386 -0.78 -23.18 3.47
CA GLY A 386 -0.53 -22.92 4.88
C GLY A 386 0.87 -22.45 5.19
N LYS A 387 1.65 -22.10 4.15
CA LYS A 387 3.00 -21.57 4.27
C LYS A 387 3.04 -20.01 4.07
N SER A 388 3.36 -19.26 5.16
CA SER A 388 3.53 -17.80 5.12
C SER A 388 4.94 -17.49 4.66
N VAL A 389 5.07 -16.77 3.55
CA VAL A 389 6.36 -16.39 2.97
C VAL A 389 6.51 -14.92 3.33
N PRO A 390 7.72 -14.41 3.73
CA PRO A 390 7.83 -12.99 4.11
C PRO A 390 7.42 -12.01 3.01
N LEU A 391 6.62 -11.01 3.38
CA LEU A 391 6.14 -9.92 2.49
C LEU A 391 7.33 -9.13 2.01
N SER A 392 7.23 -8.67 0.77
CA SER A 392 8.23 -7.82 0.14
C SER A 392 7.56 -6.83 -0.78
N MET A 393 8.13 -5.62 -0.83
CA MET A 393 7.76 -4.50 -1.69
C MET A 393 8.83 -4.36 -2.76
N THR A 394 9.91 -5.16 -2.66
CA THR A 394 11.01 -5.21 -3.65
C THR A 394 10.98 -6.57 -4.37
N ARG A 395 11.40 -6.60 -5.63
CA ARG A 395 11.45 -7.81 -6.45
C ARG A 395 12.21 -8.92 -5.74
N VAL A 396 11.58 -10.10 -5.58
CA VAL A 396 12.20 -11.24 -4.87
C VAL A 396 12.75 -12.24 -5.91
N ASP A 397 14.08 -12.30 -6.06
CA ASP A 397 14.79 -13.21 -6.97
C ASP A 397 15.02 -14.55 -6.29
N ARG A 398 15.52 -14.54 -5.03
CA ARG A 398 15.71 -15.75 -4.21
C ARG A 398 14.67 -15.66 -3.12
N VAL A 399 13.70 -16.59 -3.16
CA VAL A 399 12.57 -16.64 -2.24
C VAL A 399 12.99 -17.22 -0.88
N PRO A 400 12.84 -16.46 0.24
CA PRO A 400 13.17 -17.02 1.56
C PRO A 400 12.31 -18.24 1.93
N ASP A 401 12.78 -19.07 2.89
CA ASP A 401 12.16 -20.33 3.34
C ASP A 401 10.65 -20.41 3.53
N GLY A 402 9.99 -19.39 4.09
CA GLY A 402 8.56 -19.51 4.36
C GLY A 402 8.28 -20.34 5.62
N VAL A 403 7.16 -20.04 6.31
CA VAL A 403 6.81 -20.70 7.59
C VAL A 403 5.46 -21.38 7.49
N GLN A 404 5.40 -22.68 7.83
CA GLN A 404 4.16 -23.46 7.85
C GLN A 404 3.40 -22.99 9.10
N VAL A 405 2.38 -22.14 8.91
CA VAL A 405 1.55 -21.53 9.96
C VAL A 405 0.23 -22.30 10.11
N ILE A 406 -0.18 -23.02 9.04
CA ILE A 406 -1.37 -23.87 9.01
C ILE A 406 -0.88 -25.13 8.31
N SER A 407 -1.29 -26.33 8.76
CA SER A 407 -0.90 -27.59 8.13
C SER A 407 -1.44 -27.63 6.69
N PRO A 408 -0.65 -28.23 5.74
CA PRO A 408 -1.09 -28.26 4.34
C PRO A 408 -2.48 -28.85 4.13
N GLU A 409 -2.81 -29.92 4.87
CA GLU A 409 -4.08 -30.65 4.79
C GLU A 409 -5.24 -29.71 5.14
N VAL A 410 -5.13 -28.98 6.27
CA VAL A 410 -6.16 -28.03 6.70
C VAL A 410 -6.29 -26.87 5.71
N ALA A 411 -5.17 -26.38 5.21
CA ALA A 411 -5.12 -25.25 4.28
C ALA A 411 -5.83 -25.63 3.00
N SER A 412 -5.51 -26.83 2.50
CA SER A 412 -6.11 -27.43 1.32
C SER A 412 -7.62 -27.58 1.50
N THR A 413 -8.06 -28.00 2.68
CA THR A 413 -9.51 -28.17 2.97
C THR A 413 -10.23 -26.83 3.02
N VAL A 414 -9.64 -25.84 3.74
CA VAL A 414 -10.21 -24.49 3.80
C VAL A 414 -10.26 -23.88 2.38
N GLN A 415 -9.26 -24.11 1.54
CA GLN A 415 -9.27 -23.63 0.13
C GLN A 415 -10.49 -24.16 -0.64
N GLY A 416 -10.83 -25.44 -0.43
CA GLY A 416 -11.93 -26.12 -1.11
C GLY A 416 -13.26 -25.54 -0.67
N MET A 417 -13.39 -25.25 0.63
CA MET A 417 -14.57 -24.62 1.20
C MET A 417 -14.73 -23.22 0.63
N LEU A 418 -13.63 -22.47 0.55
CA LEU A 418 -13.70 -21.11 0.00
C LEU A 418 -14.04 -21.12 -1.49
N GLN A 419 -13.58 -22.15 -2.23
CA GLN A 419 -13.91 -22.29 -3.65
C GLN A 419 -15.47 -22.47 -3.79
N GLN A 420 -16.04 -23.25 -2.87
CA GLN A 420 -17.47 -23.50 -2.76
C GLN A 420 -18.20 -22.23 -2.32
N VAL A 421 -17.54 -21.33 -1.51
CA VAL A 421 -18.19 -20.04 -1.17
C VAL A 421 -18.49 -19.24 -2.47
N VAL A 422 -17.56 -19.28 -3.41
CA VAL A 422 -17.66 -18.56 -4.69
C VAL A 422 -18.57 -19.29 -5.71
N GLU A 423 -18.42 -20.62 -5.81
CA GLU A 423 -19.09 -21.46 -6.81
C GLU A 423 -20.42 -22.06 -6.43
N ALA A 424 -20.70 -22.29 -5.14
CA ALA A 424 -21.96 -22.93 -4.73
C ALA A 424 -23.21 -22.04 -4.89
N GLN A 425 -24.39 -22.70 -4.86
CA GLN A 425 -25.73 -22.10 -4.92
C GLN A 425 -25.87 -21.24 -3.65
N GLY A 426 -26.23 -19.98 -3.84
CA GLY A 426 -26.32 -19.01 -2.77
C GLY A 426 -24.97 -18.37 -2.43
N GLY A 427 -23.91 -18.81 -3.12
CA GLY A 427 -22.55 -18.32 -2.97
C GLY A 427 -22.31 -16.92 -3.51
N VAL A 428 -21.08 -16.45 -3.44
CA VAL A 428 -20.69 -15.11 -3.88
C VAL A 428 -20.34 -15.23 -5.36
N PHE A 429 -21.39 -15.37 -6.22
CA PHE A 429 -21.23 -15.55 -7.66
C PHE A 429 -20.53 -14.40 -8.36
N ARG A 430 -20.63 -13.20 -7.79
CA ARG A 430 -20.01 -12.03 -8.37
C ARG A 430 -18.48 -12.11 -8.31
N ALA A 431 -17.94 -13.04 -7.50
CA ALA A 431 -16.50 -13.24 -7.33
C ALA A 431 -15.95 -14.23 -8.32
N GLN A 432 -16.82 -14.96 -9.01
CA GLN A 432 -16.45 -15.91 -10.05
C GLN A 432 -15.52 -15.30 -11.12
N VAL A 433 -14.44 -16.02 -11.46
CA VAL A 433 -13.45 -15.53 -12.40
C VAL A 433 -13.57 -16.40 -13.63
N PRO A 434 -14.31 -15.93 -14.65
CA PRO A 434 -14.53 -16.77 -15.83
C PRO A 434 -13.28 -17.34 -16.48
N GLY A 435 -13.26 -18.66 -16.56
CA GLY A 435 -12.15 -19.42 -17.12
C GLY A 435 -11.32 -20.11 -16.06
N TYR A 436 -11.51 -19.70 -14.78
CA TYR A 436 -10.74 -20.21 -13.64
C TYR A 436 -11.59 -20.59 -12.44
N HIS A 437 -10.98 -21.35 -11.53
CA HIS A 437 -11.61 -21.68 -10.26
C HIS A 437 -11.05 -20.67 -9.28
N ALA A 438 -11.92 -19.81 -8.73
CA ALA A 438 -11.53 -18.82 -7.74
C ALA A 438 -12.13 -19.16 -6.36
N ALA A 439 -11.48 -18.69 -5.32
CA ALA A 439 -11.90 -18.90 -3.92
C ALA A 439 -11.77 -17.61 -3.15
N GLY A 440 -12.57 -17.48 -2.11
CA GLY A 440 -12.53 -16.32 -1.24
C GLY A 440 -13.69 -16.26 -0.28
N LYS A 441 -13.77 -15.14 0.41
CA LYS A 441 -14.77 -14.88 1.43
C LYS A 441 -15.01 -13.38 1.46
N SER A 442 -16.27 -13.04 1.50
CA SER A 442 -16.79 -11.69 1.60
C SER A 442 -16.84 -11.26 3.08
N GLY A 443 -16.92 -9.95 3.29
CA GLY A 443 -17.03 -9.30 4.59
C GLY A 443 -17.81 -8.01 4.46
N THR A 444 -18.56 -7.64 5.51
CA THR A 444 -19.31 -6.37 5.54
C THR A 444 -19.21 -5.88 6.96
N ALA A 445 -18.63 -4.70 7.17
CA ALA A 445 -18.48 -4.22 8.54
C ALA A 445 -19.17 -2.90 8.74
N ARG A 446 -20.09 -2.88 9.70
CA ARG A 446 -20.83 -1.71 10.14
C ARG A 446 -19.86 -0.93 11.03
N LYS A 447 -19.57 0.31 10.65
CA LYS A 447 -18.59 1.20 11.29
C LYS A 447 -19.03 1.81 12.63
N ASN A 458 -26.39 4.89 8.69
CA ASN A 458 -25.30 4.02 9.12
C ASN A 458 -24.17 3.94 8.10
N ALA A 459 -22.92 3.82 8.59
CA ALA A 459 -21.68 3.77 7.80
C ALA A 459 -21.14 2.34 7.69
N TYR A 460 -20.72 1.93 6.47
CA TYR A 460 -20.22 0.57 6.20
C TYR A 460 -18.86 0.51 5.49
N ARG A 461 -18.18 -0.65 5.61
CA ARG A 461 -16.94 -0.98 4.88
C ARG A 461 -17.19 -2.33 4.16
N SER A 462 -17.02 -2.35 2.83
CA SER A 462 -17.24 -3.54 2.00
C SER A 462 -15.93 -4.27 1.63
N LEU A 463 -15.85 -5.56 1.99
CA LEU A 463 -14.65 -6.37 1.84
C LEU A 463 -14.86 -7.67 1.06
N PHE A 464 -13.84 -8.04 0.30
CA PHE A 464 -13.69 -9.33 -0.35
C PHE A 464 -12.21 -9.68 -0.32
N ALA A 465 -11.89 -10.89 0.11
CA ALA A 465 -10.52 -11.40 0.14
C ALA A 465 -10.52 -12.76 -0.51
N GLY A 466 -9.63 -12.95 -1.43
CA GLY A 466 -9.62 -14.24 -2.11
C GLY A 466 -8.31 -14.58 -2.74
N PHE A 467 -8.32 -15.62 -3.57
CA PHE A 467 -7.15 -16.11 -4.29
C PHE A 467 -7.58 -17.00 -5.45
N ALA A 468 -6.65 -17.19 -6.39
CA ALA A 468 -6.91 -17.98 -7.58
C ALA A 468 -5.58 -18.31 -8.26
N PRO A 469 -5.50 -19.38 -9.10
CA PRO A 469 -6.54 -20.39 -9.42
C PRO A 469 -6.56 -21.46 -8.33
N ALA A 470 -7.75 -21.89 -7.88
CA ALA A 470 -7.85 -22.90 -6.81
C ALA A 470 -6.93 -24.16 -6.97
N THR A 471 -6.73 -24.66 -8.21
CA THR A 471 -5.88 -25.83 -8.52
C THR A 471 -4.40 -25.64 -8.13
N ASP A 472 -3.86 -24.46 -8.39
CA ASP A 472 -2.51 -24.11 -7.96
C ASP A 472 -2.54 -22.61 -7.68
N PRO A 473 -2.93 -22.17 -6.45
CA PRO A 473 -3.04 -20.72 -6.19
C PRO A 473 -1.74 -19.97 -6.45
N ARG A 474 -1.89 -18.84 -7.15
CA ARG A 474 -0.81 -17.96 -7.58
C ARG A 474 -0.92 -16.57 -6.98
N ILE A 475 -2.15 -16.00 -6.98
CA ILE A 475 -2.42 -14.63 -6.52
C ILE A 475 -3.44 -14.61 -5.38
N ALA A 476 -3.20 -13.76 -4.37
CA ALA A 476 -4.12 -13.43 -3.27
C ALA A 476 -4.47 -11.96 -3.50
N MET A 477 -5.72 -11.63 -3.26
CA MET A 477 -6.22 -10.27 -3.47
C MET A 477 -7.19 -9.84 -2.39
N VAL A 478 -7.11 -8.58 -1.98
CA VAL A 478 -8.03 -7.98 -1.00
C VAL A 478 -8.59 -6.71 -1.65
N VAL A 479 -9.92 -6.54 -1.61
CA VAL A 479 -10.62 -5.37 -2.13
C VAL A 479 -11.36 -4.75 -0.94
N VAL A 480 -10.98 -3.54 -0.56
CA VAL A 480 -11.63 -2.86 0.58
C VAL A 480 -12.22 -1.57 0.06
N ILE A 481 -13.55 -1.42 0.11
CA ILE A 481 -14.26 -0.22 -0.31
C ILE A 481 -14.92 0.41 0.93
N ASP A 482 -14.51 1.65 1.25
CA ASP A 482 -14.94 2.38 2.44
C ASP A 482 -16.10 3.31 2.16
N GLU A 483 -17.20 3.11 2.90
CA GLU A 483 -18.45 3.89 2.78
C GLU A 483 -19.13 3.90 1.40
N PRO A 484 -19.49 2.73 0.80
CA PRO A 484 -20.27 2.77 -0.44
C PRO A 484 -21.61 3.41 -0.06
N SER A 485 -22.10 4.32 -0.90
CA SER A 485 -23.34 5.04 -0.63
C SER A 485 -24.53 4.58 -1.48
N LYS A 486 -24.36 3.48 -2.24
CA LYS A 486 -25.43 2.90 -3.07
C LYS A 486 -26.29 1.93 -2.22
N ALA A 487 -27.48 1.55 -2.74
CA ALA A 487 -28.48 0.65 -2.11
C ALA A 487 -27.87 -0.60 -1.46
N GLY A 488 -27.13 -1.38 -2.24
CA GLY A 488 -26.44 -2.57 -1.77
C GLY A 488 -25.06 -2.21 -1.28
N TYR A 489 -24.75 -2.50 -0.01
CA TYR A 489 -23.47 -2.17 0.64
C TYR A 489 -22.62 -3.40 1.01
N PHE A 490 -23.18 -4.59 0.81
CA PHE A 490 -22.54 -5.86 1.15
C PHE A 490 -21.27 -6.11 0.31
N GLY A 491 -20.25 -6.67 0.97
CA GLY A 491 -18.99 -7.04 0.35
C GLY A 491 -19.18 -7.90 -0.89
N GLY A 492 -20.08 -8.88 -0.78
CA GLY A 492 -20.41 -9.79 -1.86
C GLY A 492 -21.06 -9.14 -3.05
N LEU A 493 -21.47 -7.89 -2.88
CA LEU A 493 -22.17 -7.08 -3.87
C LEU A 493 -21.30 -5.91 -4.38
N VAL A 494 -20.57 -5.23 -3.46
CA VAL A 494 -19.74 -4.07 -3.75
C VAL A 494 -18.30 -4.45 -4.10
N SER A 495 -17.65 -5.35 -3.31
CA SER A 495 -16.25 -5.71 -3.52
C SER A 495 -15.97 -6.88 -4.45
N ALA A 496 -16.78 -7.97 -4.38
CA ALA A 496 -16.65 -9.19 -5.17
C ALA A 496 -16.54 -8.92 -6.67
N PRO A 497 -17.37 -8.04 -7.31
CA PRO A 497 -17.14 -7.76 -8.75
C PRO A 497 -15.77 -7.19 -9.07
N VAL A 498 -15.17 -6.42 -8.12
CA VAL A 498 -13.83 -5.81 -8.29
C VAL A 498 -12.75 -6.90 -8.29
N PHE A 499 -12.86 -7.87 -7.36
CA PHE A 499 -12.01 -9.06 -7.25
C PHE A 499 -12.04 -9.82 -8.57
N SER A 500 -13.24 -10.17 -9.08
CA SER A 500 -13.43 -10.89 -10.35
C SER A 500 -12.72 -10.17 -11.50
N LYS A 501 -13.04 -8.87 -11.66
CA LYS A 501 -12.48 -8.01 -12.71
C LYS A 501 -10.96 -7.95 -12.65
N VAL A 502 -10.39 -7.62 -11.49
CA VAL A 502 -8.93 -7.53 -11.33
C VAL A 502 -8.25 -8.90 -11.47
N MET A 503 -8.83 -9.94 -10.86
CA MET A 503 -8.32 -11.31 -10.92
C MET A 503 -8.24 -11.83 -12.35
N ALA A 504 -9.32 -11.69 -13.14
CA ALA A 504 -9.37 -12.14 -14.53
C ALA A 504 -8.22 -11.55 -15.34
N GLY A 505 -7.98 -10.26 -15.15
CA GLY A 505 -6.95 -9.53 -15.85
C GLY A 505 -5.56 -9.82 -15.32
N ALA A 506 -5.37 -9.83 -13.99
CA ALA A 506 -4.04 -10.06 -13.41
C ALA A 506 -3.46 -11.40 -13.78
N LEU A 507 -4.29 -12.46 -13.82
CA LEU A 507 -3.93 -13.83 -14.15
C LEU A 507 -3.56 -13.96 -15.62
N ARG A 508 -4.29 -13.24 -16.49
CA ARG A 508 -4.00 -13.25 -17.92
C ARG A 508 -2.73 -12.45 -18.20
N LEU A 509 -2.52 -11.32 -17.47
CA LEU A 509 -1.30 -10.51 -17.59
C LEU A 509 -0.06 -11.30 -17.18
N MET A 510 -0.22 -12.27 -16.26
CA MET A 510 0.85 -13.15 -15.77
C MET A 510 0.93 -14.48 -16.55
N ASN A 511 0.08 -14.64 -17.60
CA ASN A 511 0.02 -15.85 -18.45
C ASN A 511 -0.23 -17.11 -17.62
N VAL A 512 -1.11 -16.98 -16.61
CA VAL A 512 -1.48 -18.07 -15.74
C VAL A 512 -2.48 -18.87 -16.56
N PRO A 513 -2.21 -20.15 -16.86
CA PRO A 513 -3.13 -20.93 -17.70
C PRO A 513 -4.50 -21.17 -17.08
N PRO A 514 -5.62 -21.04 -17.83
CA PRO A 514 -6.95 -21.32 -17.25
C PRO A 514 -7.06 -22.74 -16.71
N ASP A 515 -7.70 -22.89 -15.54
CA ASP A 515 -7.86 -24.16 -14.83
C ASP A 515 -9.28 -24.75 -14.81
N ASN A 516 -10.33 -23.96 -15.18
CA ASN A 516 -11.68 -24.54 -15.22
C ASN A 516 -11.82 -25.28 -16.55
N LEU A 517 -11.14 -26.45 -16.60
CA LEU A 517 -11.00 -27.33 -17.75
C LEU A 517 -11.83 -28.60 -17.60
N PRO A 518 -12.16 -29.32 -18.71
CA PRO A 518 -12.97 -30.54 -18.59
C PRO A 518 -12.35 -31.68 -17.79
N THR A 519 -13.18 -32.68 -17.51
CA THR A 519 -12.81 -33.89 -16.78
C THR A 519 -13.52 -35.08 -17.45
N ALA A 520 -14.56 -34.76 -18.28
CA ALA A 520 -15.39 -35.69 -19.05
C ALA A 520 -15.64 -35.15 -20.46
C 0W0 B . -19.20 -10.54 8.01
CA 0W0 B . -20.65 -10.43 8.45
N 0W0 B . -20.85 -9.04 8.82
O 0W0 B . -18.50 -9.59 7.66
C2 0W0 B . -26.19 -11.36 3.98
C21 0W0 B . -18.80 -7.75 11.45
C1 0W0 B . -26.85 -12.60 3.76
C35 0W0 B . -19.86 -6.91 11.17
C3 0W0 B . -25.38 -11.59 5.08
C19 0W0 B . -18.54 -5.45 12.17
C11 0W0 B . -28.32 -14.14 2.77
C8 0W0 B . -28.97 -12.43 0.69
C6 0W0 B . -27.78 -12.92 2.71
C9 0W0 B . -29.59 -13.61 0.64
C10 0W0 B . -29.29 -14.57 1.73
C26 0W0 B . -21.05 -7.33 10.47
C14 0W0 B . -24.49 -10.76 5.80
C24 0W0 B . -21.24 -8.77 10.11
C30 0W0 B . -24.57 -5.12 10.01
C31 0W0 B . -24.99 -6.55 8.10
C32 0W0 B . -23.15 -4.92 8.05
C37 0W0 B . -23.02 -10.80 7.78
C23 0W0 B . -21.57 -10.90 7.33
C29 0W0 B . -23.87 -5.93 8.90
N5 0W0 B . -26.46 -13.50 4.67
N18 0W0 B . -19.69 -5.61 11.57
N27 0W0 B . -21.92 -6.42 10.15
N7 0W0 B . -28.10 -12.05 1.68
N36 0W0 B . -18.09 -4.28 12.68
N15 0W0 B . -23.91 -11.45 6.86
N22 0W0 B . -21.32 -10.10 6.11
O34 0W0 B . -24.52 -5.64 11.17
O41 0W0 B . -21.83 -11.83 4.31
O12 0W0 B . -29.81 -15.68 1.80
O16 0W0 B . -24.27 -9.60 5.51
O25 0W0 B . -21.69 -9.52 10.96
O33 0W0 B . -25.12 -4.02 9.67
O39 0W0 B . -20.61 -9.82 3.71
O40 0W0 B . -19.56 -11.54 5.07
O4 0W0 B . -25.54 -12.87 5.51
O13 0W0 B . -30.47 -13.98 -0.37
O17 0W0 B . -27.52 -10.79 1.59
O28 0W0 B . -23.01 -6.95 9.44
S20 0W0 B . -17.56 -6.88 12.27
S38 0W0 B . -20.80 -10.88 4.69
#